data_7ZYU
#
_entry.id   7ZYU
#
_cell.length_a   81.391
_cell.length_b   81.391
_cell.length_c   103.644
_cell.angle_alpha   90.000
_cell.angle_beta   90.000
_cell.angle_gamma   120.000
#
_symmetry.space_group_name_H-M   'P 32 2 1'
#
loop_
_entity.id
_entity.type
_entity.pdbx_description
1 polymer 'Histone deacetylase 6'
2 polymer 'Designed Ankyrin repeat protein F10'
3 non-polymer 'ZINC ION'
4 non-polymer 1,2-ETHANEDIOL
5 water water
#
loop_
_entity_poly.entity_id
_entity_poly.type
_entity_poly.pdbx_seq_one_letter_code
_entity_poly.pdbx_strand_id
1 'polypeptide(L)'
;GPTPLPWCPHLVAVCPIPAAGLDVTQPCGDCGTIQENWVCLSCYQVYCGRYINGHMLQHHGNSGHPLVLSYIDLSAWCYY
CQAYVHHQALLDVKNIAHQNKFGEDMPHPH
;
A
2 'polypeptide(L)'
;GSDLGKKLLEAARAGQDDEVRILMANGADVNANDRNGVTPLHLAADKGHLEIVEVLLKTGADVNAIDIMGATPLHLAAAH
GHLEIVEVLLKAGADVNAMDHKGFTPLHLAAWRGHLEIVEVLLKHGADVNAQDKFGKTPFDLAIDNGNEDIAEVLQKAAK
LN
;
B
#
# COMPACT_ATOMS: atom_id res chain seq x y z
N GLY A 1 8.30 -2.36 -18.01
CA GLY A 1 7.38 -2.43 -19.12
C GLY A 1 6.45 -1.23 -19.17
N PRO A 2 5.46 -1.26 -20.07
CA PRO A 2 4.51 -0.15 -20.16
C PRO A 2 3.65 -0.06 -18.90
N THR A 3 3.03 1.12 -18.70
CA THR A 3 2.37 1.35 -17.42
C THR A 3 1.27 0.31 -17.18
N PRO A 4 0.36 0.01 -18.15
CA PRO A 4 -0.48 -1.19 -18.00
C PRO A 4 0.15 -2.34 -18.78
N LEU A 5 0.38 -3.50 -18.19
CA LEU A 5 0.93 -4.61 -18.98
C LEU A 5 -0.13 -5.19 -19.89
N PRO A 6 0.18 -5.45 -21.16
CA PRO A 6 -0.81 -6.05 -22.08
C PRO A 6 -0.92 -7.56 -21.94
N TRP A 7 0.09 -8.20 -21.37
CA TRP A 7 0.11 -9.64 -21.19
C TRP A 7 0.87 -9.95 -19.91
N CYS A 8 0.48 -11.04 -19.26
CA CYS A 8 1.07 -11.45 -18.00
C CYS A 8 1.18 -12.97 -18.00
N PRO A 9 2.32 -13.54 -17.59
CA PRO A 9 2.44 -15.00 -17.57
C PRO A 9 1.61 -15.66 -16.49
N HIS A 10 0.73 -14.90 -15.84
CA HIS A 10 -0.13 -15.42 -14.79
C HIS A 10 -1.60 -15.33 -15.14
N LEU A 11 -1.94 -14.77 -16.32
CA LEU A 11 -3.34 -14.73 -16.76
C LEU A 11 -3.94 -16.13 -16.80
N VAL A 12 -3.14 -17.15 -17.12
CA VAL A 12 -3.64 -18.51 -17.16
C VAL A 12 -4.27 -18.90 -15.83
N ALA A 13 -3.75 -18.37 -14.73
CA ALA A 13 -4.23 -18.71 -13.39
C ALA A 13 -5.54 -18.00 -13.02
N VAL A 14 -6.08 -17.15 -13.89
CA VAL A 14 -7.35 -16.50 -13.60
C VAL A 14 -8.47 -17.52 -13.73
N CYS A 15 -9.33 -17.59 -12.72
CA CYS A 15 -10.43 -18.54 -12.69
C CYS A 15 -11.74 -17.86 -13.10
N PRO A 16 -12.70 -18.61 -13.63
CA PRO A 16 -13.93 -17.97 -14.12
C PRO A 16 -14.69 -17.27 -13.00
N ILE A 17 -15.56 -16.35 -13.40
CA ILE A 17 -16.37 -15.61 -12.43
C ILE A 17 -17.33 -16.59 -11.76
N PRO A 18 -17.44 -16.61 -10.43
CA PRO A 18 -18.42 -17.48 -9.79
C PRO A 18 -19.84 -17.06 -10.13
N ALA A 19 -20.76 -18.02 -10.02
CA ALA A 19 -22.16 -17.73 -10.32
C ALA A 19 -22.69 -16.57 -9.50
N ALA A 20 -22.20 -16.41 -8.26
CA ALA A 20 -22.64 -15.32 -7.39
C ALA A 20 -22.33 -13.95 -7.96
N GLY A 21 -21.50 -13.85 -8.99
CA GLY A 21 -21.10 -12.55 -9.47
C GLY A 21 -20.20 -11.85 -8.46
N LEU A 22 -20.08 -10.54 -8.64
CA LEU A 22 -19.24 -9.71 -7.80
C LEU A 22 -20.10 -8.74 -7.00
N ASP A 23 -19.53 -8.26 -5.89
CA ASP A 23 -20.18 -7.27 -5.03
C ASP A 23 -19.13 -6.21 -4.70
N VAL A 24 -19.17 -5.08 -5.43
CA VAL A 24 -18.18 -4.04 -5.22
C VAL A 24 -18.25 -3.45 -3.82
N THR A 25 -19.40 -3.56 -3.14
CA THR A 25 -19.54 -3.06 -1.78
C THR A 25 -19.13 -4.07 -0.73
N GLN A 26 -18.70 -5.26 -1.13
CA GLN A 26 -18.37 -6.31 -0.16
C GLN A 26 -17.20 -5.87 0.71
N PRO A 27 -17.23 -6.19 2.01
CA PRO A 27 -16.12 -5.80 2.89
C PRO A 27 -15.02 -6.85 2.96
N CYS A 28 -13.86 -6.40 3.43
CA CYS A 28 -12.73 -7.29 3.66
C CYS A 28 -13.14 -8.47 4.53
N GLY A 29 -12.64 -9.65 4.17
CA GLY A 29 -12.98 -10.86 4.88
C GLY A 29 -12.29 -11.04 6.21
N ASP A 30 -11.27 -10.25 6.52
CA ASP A 30 -10.56 -10.33 7.78
C ASP A 30 -10.64 -9.08 8.64
N CYS A 31 -11.09 -7.95 8.09
CA CYS A 31 -11.29 -6.76 8.90
C CYS A 31 -12.55 -5.96 8.57
N GLY A 32 -13.33 -6.36 7.57
CA GLY A 32 -14.59 -5.71 7.29
C GLY A 32 -14.49 -4.35 6.62
N THR A 33 -13.28 -3.86 6.35
CA THR A 33 -13.08 -2.56 5.71
C THR A 33 -13.94 -2.44 4.45
N ILE A 34 -14.40 -1.21 4.19
CA ILE A 34 -15.18 -0.90 2.99
C ILE A 34 -14.55 0.32 2.30
N GLN A 35 -13.24 0.50 2.46
CA GLN A 35 -12.56 1.68 1.93
C GLN A 35 -11.65 1.38 0.75
N GLU A 36 -10.72 0.43 0.88
CA GLU A 36 -9.81 0.06 -0.20
C GLU A 36 -9.74 -1.45 -0.26
N ASN A 37 -10.51 -2.06 -1.17
CA ASN A 37 -10.60 -3.51 -1.26
C ASN A 37 -10.18 -4.02 -2.64
N TRP A 38 -9.77 -5.28 -2.66
CA TRP A 38 -9.34 -6.00 -3.85
C TRP A 38 -10.13 -7.29 -3.96
N VAL A 39 -10.15 -7.88 -5.15
CA VAL A 39 -10.75 -9.19 -5.38
C VAL A 39 -9.65 -10.13 -5.85
N CYS A 40 -9.72 -11.38 -5.40
CA CYS A 40 -8.81 -12.42 -5.89
C CYS A 40 -9.46 -13.07 -7.11
N LEU A 41 -8.87 -12.83 -8.29
CA LEU A 41 -9.42 -13.42 -9.51
C LEU A 41 -9.29 -14.93 -9.54
N SER A 42 -8.62 -15.55 -8.56
CA SER A 42 -8.52 -17.00 -8.47
C SER A 42 -9.60 -17.59 -7.59
N CYS A 43 -9.79 -17.05 -6.38
CA CYS A 43 -10.80 -17.53 -5.46
C CYS A 43 -11.91 -16.53 -5.19
N TYR A 44 -11.76 -15.28 -5.63
CA TYR A 44 -12.80 -14.26 -5.54
C TYR A 44 -13.20 -13.93 -4.10
N GLN A 45 -12.30 -14.19 -3.15
CA GLN A 45 -12.39 -13.56 -1.85
C GLN A 45 -12.09 -12.06 -1.97
N VAL A 46 -12.45 -11.32 -0.93
CA VAL A 46 -12.25 -9.88 -0.88
C VAL A 46 -11.43 -9.55 0.36
N TYR A 47 -10.37 -8.76 0.16
CA TYR A 47 -9.50 -8.37 1.25
C TYR A 47 -8.99 -6.96 0.97
N CYS A 48 -8.69 -6.22 2.05
CA CYS A 48 -8.40 -4.80 1.91
C CYS A 48 -7.02 -4.60 1.27
N GLY A 49 -6.75 -3.36 0.89
CA GLY A 49 -5.55 -3.01 0.16
C GLY A 49 -4.31 -3.01 1.04
N ARG A 50 -3.21 -2.59 0.42
CA ARG A 50 -1.92 -2.57 1.12
C ARG A 50 -1.93 -1.60 2.28
N TYR A 51 -2.41 -0.38 2.05
CA TYR A 51 -2.33 0.69 3.04
C TYR A 51 -3.56 0.74 3.94
N ILE A 52 -4.33 -0.35 4.02
CA ILE A 52 -5.37 -0.49 5.04
C ILE A 52 -4.84 -1.40 6.13
N ASN A 53 -4.64 -2.67 5.79
CA ASN A 53 -3.98 -3.62 6.68
C ASN A 53 -3.14 -4.64 5.92
N GLY A 54 -3.05 -4.56 4.60
CA GLY A 54 -2.32 -5.55 3.83
C GLY A 54 -2.90 -6.94 3.92
N HIS A 55 -4.24 -7.06 3.90
CA HIS A 55 -4.89 -8.35 4.00
C HIS A 55 -5.02 -9.07 2.66
N MET A 56 -5.09 -8.34 1.54
CA MET A 56 -5.01 -9.00 0.25
C MET A 56 -3.57 -9.39 -0.09
N LEU A 57 -2.59 -8.64 0.43
CA LEU A 57 -1.19 -9.04 0.23
C LEU A 57 -0.87 -10.28 1.07
N GLN A 58 -1.49 -10.38 2.22
CA GLN A 58 -1.25 -11.55 3.10
C GLN A 58 -1.94 -12.76 2.46
N HIS A 59 -3.05 -12.51 1.78
CA HIS A 59 -3.74 -13.59 1.08
C HIS A 59 -2.87 -14.15 -0.02
N HIS A 60 -2.38 -13.28 -0.91
CA HIS A 60 -1.39 -13.69 -1.91
C HIS A 60 -0.26 -14.51 -1.27
N GLY A 61 0.31 -14.01 -0.18
CA GLY A 61 1.45 -14.69 0.43
C GLY A 61 1.16 -16.12 0.82
N ASN A 62 -0.08 -16.41 1.20
CA ASN A 62 -0.45 -17.73 1.70
C ASN A 62 -1.05 -18.62 0.63
N SER A 63 -1.85 -18.07 -0.28
CA SER A 63 -2.50 -18.86 -1.31
C SER A 63 -1.70 -18.92 -2.60
N GLY A 64 -0.94 -17.87 -2.91
CA GLY A 64 -0.17 -17.83 -4.14
C GLY A 64 -0.93 -17.31 -5.34
N HIS A 65 -2.12 -16.73 -5.14
CA HIS A 65 -2.94 -16.29 -6.26
C HIS A 65 -2.40 -14.98 -6.83
N PRO A 66 -2.14 -14.90 -8.14
CA PRO A 66 -1.32 -13.79 -8.65
C PRO A 66 -2.05 -12.48 -8.87
N LEU A 67 -3.31 -12.55 -9.31
CA LEU A 67 -3.98 -11.40 -9.92
C LEU A 67 -5.21 -11.00 -9.10
N VAL A 68 -5.40 -9.69 -8.95
CA VAL A 68 -6.45 -9.14 -8.12
C VAL A 68 -7.04 -7.91 -8.78
N LEU A 69 -8.35 -7.73 -8.61
CA LEU A 69 -9.09 -6.61 -9.18
C LEU A 69 -9.47 -5.63 -8.07
N SER A 70 -9.21 -4.35 -8.29
CA SER A 70 -9.45 -3.33 -7.29
C SER A 70 -10.89 -2.82 -7.39
N TYR A 71 -11.62 -2.90 -6.29
CA TYR A 71 -12.95 -2.30 -6.22
C TYR A 71 -12.93 -0.78 -6.10
N ILE A 72 -11.77 -0.14 -6.21
CA ILE A 72 -11.68 1.31 -6.21
C ILE A 72 -11.63 1.87 -7.62
N ASP A 73 -10.84 1.25 -8.51
CA ASP A 73 -10.78 1.66 -9.90
C ASP A 73 -10.82 0.50 -10.87
N LEU A 74 -11.04 -0.74 -10.40
CA LEU A 74 -11.17 -1.91 -11.26
C LEU A 74 -9.89 -2.19 -12.05
N SER A 75 -8.75 -1.92 -11.42
CA SER A 75 -7.45 -2.25 -12.01
C SER A 75 -7.04 -3.66 -11.62
N ALA A 76 -6.25 -4.29 -12.48
CA ALA A 76 -5.75 -5.64 -12.25
C ALA A 76 -4.27 -5.57 -11.92
N TRP A 77 -3.92 -6.00 -10.71
CA TRP A 77 -2.54 -6.02 -10.25
C TRP A 77 -2.05 -7.46 -10.18
N CYS A 78 -0.82 -7.68 -10.63
CA CYS A 78 -0.17 -8.97 -10.48
C CYS A 78 0.93 -8.82 -9.43
N TYR A 79 0.76 -9.53 -8.30
CA TYR A 79 1.77 -9.46 -7.26
C TYR A 79 3.12 -9.99 -7.72
N TYR A 80 3.14 -10.93 -8.66
CA TYR A 80 4.42 -11.46 -9.12
C TYR A 80 5.08 -10.51 -10.10
N CYS A 81 4.36 -10.14 -11.17
CA CYS A 81 4.91 -9.16 -12.09
C CYS A 81 5.05 -7.79 -11.46
N GLN A 82 4.41 -7.56 -10.33
CA GLN A 82 4.51 -6.29 -9.60
C GLN A 82 4.18 -5.12 -10.53
N ALA A 83 3.05 -5.26 -11.23
CA ALA A 83 2.62 -4.25 -12.20
C ALA A 83 1.14 -4.46 -12.48
N TYR A 84 0.52 -3.42 -13.05
CA TYR A 84 -0.85 -3.52 -13.53
C TYR A 84 -0.88 -4.33 -14.83
N VAL A 85 -2.03 -4.95 -15.11
CA VAL A 85 -2.18 -5.85 -16.25
C VAL A 85 -3.55 -5.60 -16.89
N HIS A 86 -3.60 -5.75 -18.22
CA HIS A 86 -4.87 -5.62 -18.93
C HIS A 86 -4.81 -6.46 -20.20
N HIS A 87 -5.81 -7.32 -20.39
CA HIS A 87 -5.81 -8.27 -21.49
C HIS A 87 -7.23 -8.73 -21.73
N GLN A 88 -7.45 -9.34 -22.90
CA GLN A 88 -8.77 -9.83 -23.28
C GLN A 88 -9.38 -10.72 -22.21
N ALA A 89 -8.55 -11.56 -21.57
CA ALA A 89 -9.08 -12.49 -20.58
C ALA A 89 -9.64 -11.75 -19.37
N LEU A 90 -8.93 -10.73 -18.89
CA LEU A 90 -9.42 -9.93 -17.78
C LEU A 90 -10.62 -9.07 -18.16
N LEU A 91 -10.83 -8.84 -19.47
CA LEU A 91 -11.80 -7.86 -19.91
C LEU A 91 -13.23 -8.25 -19.55
N ASP A 92 -13.48 -9.54 -19.30
CA ASP A 92 -14.84 -10.00 -19.01
C ASP A 92 -15.23 -9.75 -17.56
N VAL A 93 -14.40 -10.17 -16.61
CA VAL A 93 -14.72 -9.99 -15.20
C VAL A 93 -14.83 -8.52 -14.83
N LYS A 94 -14.22 -7.63 -15.60
CA LYS A 94 -14.30 -6.21 -15.32
C LYS A 94 -15.65 -5.60 -15.69
N ASN A 95 -16.48 -6.33 -16.43
CA ASN A 95 -17.84 -5.87 -16.71
C ASN A 95 -18.83 -6.32 -15.64
N ILE A 96 -18.64 -7.50 -15.06
CA ILE A 96 -19.46 -7.91 -13.93
C ILE A 96 -19.34 -6.90 -12.80
N ALA A 97 -18.11 -6.47 -12.49
CA ALA A 97 -17.92 -5.47 -11.46
C ALA A 97 -18.41 -4.10 -11.90
N HIS A 98 -18.36 -3.80 -13.20
CA HIS A 98 -18.74 -2.47 -13.67
C HIS A 98 -20.26 -2.33 -13.78
N GLN A 99 -20.95 -3.34 -14.31
CA GLN A 99 -22.41 -3.37 -14.22
C GLN A 99 -22.86 -3.24 -12.76
N ASN A 100 -22.40 -4.16 -11.91
CA ASN A 100 -22.60 -4.08 -10.46
C ASN A 100 -22.39 -2.66 -9.95
N LYS A 101 -21.36 -1.97 -10.43
CA LYS A 101 -20.91 -0.74 -9.78
C LYS A 101 -21.54 0.51 -10.38
N PHE A 102 -21.55 0.64 -11.70
CA PHE A 102 -22.12 1.82 -12.35
C PHE A 102 -23.41 1.53 -13.10
N GLY A 103 -23.87 0.28 -13.10
CA GLY A 103 -25.07 -0.07 -13.84
C GLY A 103 -24.94 0.26 -15.31
N GLU A 104 -23.83 -0.13 -15.92
CA GLU A 104 -23.52 0.25 -17.30
C GLU A 104 -22.28 -0.52 -17.74
N ASP A 105 -22.14 -0.70 -19.05
CA ASP A 105 -21.02 -1.43 -19.61
C ASP A 105 -19.74 -0.58 -19.56
N MET A 106 -18.62 -1.23 -19.87
CA MET A 106 -17.31 -0.58 -19.89
C MET A 106 -16.91 -0.29 -21.34
N PRO A 107 -16.61 0.97 -21.70
CA PRO A 107 -16.23 1.25 -23.10
C PRO A 107 -14.98 0.47 -23.53
N ASP B 3 14.00 -18.23 12.90
CA ASP B 3 13.13 -18.64 13.98
C ASP B 3 12.72 -17.43 14.82
N LEU B 4 13.72 -16.60 15.17
CA LEU B 4 13.43 -15.38 15.91
C LEU B 4 12.77 -14.33 15.03
N GLY B 5 13.25 -14.16 13.79
CA GLY B 5 12.67 -13.18 12.90
C GLY B 5 11.17 -13.30 12.79
N LYS B 6 10.67 -14.54 12.80
CA LYS B 6 9.23 -14.76 12.73
C LYS B 6 8.53 -14.12 13.92
N LYS B 7 9.07 -14.35 15.12
CA LYS B 7 8.49 -13.82 16.34
C LYS B 7 8.62 -12.30 16.38
N LEU B 8 9.79 -11.79 16.01
CA LEU B 8 10.03 -10.35 16.08
C LEU B 8 9.08 -9.58 15.19
N LEU B 9 8.80 -10.09 13.98
CA LEU B 9 7.81 -9.47 13.13
C LEU B 9 6.47 -9.34 13.85
N GLU B 10 6.07 -10.39 14.57
CA GLU B 10 4.78 -10.34 15.27
C GLU B 10 4.83 -9.40 16.46
N ALA B 11 5.96 -9.33 17.17
CA ALA B 11 6.07 -8.40 18.29
C ALA B 11 5.91 -6.96 17.83
N ALA B 12 6.35 -6.64 16.60
CA ALA B 12 6.20 -5.29 16.08
C ALA B 12 4.76 -4.97 15.73
N ARG B 13 4.08 -5.89 15.04
CA ARG B 13 2.67 -5.67 14.70
C ARG B 13 1.84 -5.49 15.96
N ALA B 14 2.02 -6.37 16.95
CA ALA B 14 1.20 -6.38 18.15
C ALA B 14 1.54 -5.28 19.14
N GLY B 15 2.55 -4.47 18.86
CA GLY B 15 2.93 -3.41 19.77
C GLY B 15 3.51 -3.89 21.07
N GLN B 16 4.19 -5.04 21.05
CA GLN B 16 4.77 -5.62 22.26
C GLN B 16 6.17 -5.03 22.44
N ASP B 17 6.21 -3.79 22.95
CA ASP B 17 7.47 -3.14 23.24
C ASP B 17 8.39 -4.05 24.04
N ASP B 18 7.80 -4.96 24.82
CA ASP B 18 8.57 -5.87 25.66
C ASP B 18 9.21 -6.98 24.82
N GLU B 19 8.38 -7.77 24.12
CA GLU B 19 8.89 -8.85 23.29
C GLU B 19 9.90 -8.36 22.27
N VAL B 20 9.73 -7.15 21.74
CA VAL B 20 10.69 -6.60 20.79
C VAL B 20 12.06 -6.50 21.44
N ARG B 21 12.11 -6.03 22.69
CA ARG B 21 13.38 -5.92 23.40
C ARG B 21 13.90 -7.27 23.88
N ILE B 22 13.03 -8.29 23.89
CA ILE B 22 13.48 -9.64 24.23
C ILE B 22 14.09 -10.33 23.01
N LEU B 23 13.27 -10.53 21.98
CA LEU B 23 13.73 -11.23 20.78
C LEU B 23 14.95 -10.55 20.18
N MET B 24 14.88 -9.22 20.05
CA MET B 24 15.99 -8.46 19.48
C MET B 24 17.24 -8.58 20.35
N ALA B 25 17.07 -8.68 21.66
CA ALA B 25 18.22 -8.86 22.54
C ALA B 25 18.83 -10.25 22.42
N ASN B 26 18.01 -11.26 22.16
CA ASN B 26 18.50 -12.63 21.96
C ASN B 26 19.08 -12.85 20.58
N GLY B 27 19.33 -11.78 19.81
CA GLY B 27 19.95 -11.90 18.51
C GLY B 27 18.99 -11.93 17.34
N ALA B 28 17.69 -11.78 17.57
CA ALA B 28 16.72 -11.75 16.49
C ALA B 28 17.14 -10.72 15.44
N ASP B 29 17.12 -11.12 14.18
CA ASP B 29 17.55 -10.23 13.11
C ASP B 29 16.68 -8.99 13.08
N VAL B 30 17.31 -7.82 13.29
CA VAL B 30 16.55 -6.58 13.29
C VAL B 30 15.97 -6.31 11.91
N ASN B 31 16.63 -6.77 10.85
CA ASN B 31 16.16 -6.61 9.48
C ASN B 31 15.44 -7.86 8.98
N ALA B 32 14.77 -8.58 9.88
CA ALA B 32 14.12 -9.83 9.52
C ALA B 32 13.08 -9.60 8.43
N ASN B 33 12.80 -10.66 7.69
CA ASN B 33 11.89 -10.64 6.56
C ASN B 33 10.75 -11.62 6.80
N ASP B 34 9.56 -11.25 6.32
CA ASP B 34 8.56 -12.26 5.98
C ASP B 34 8.68 -12.53 4.48
N ARG B 35 7.87 -13.46 3.99
CA ARG B 35 7.97 -13.84 2.58
C ARG B 35 7.24 -12.85 1.65
N ASN B 36 6.91 -11.66 2.14
CA ASN B 36 6.53 -10.53 1.30
C ASN B 36 7.45 -9.33 1.52
N GLY B 37 8.58 -9.50 2.19
CA GLY B 37 9.55 -8.45 2.38
C GLY B 37 9.28 -7.50 3.52
N VAL B 38 8.19 -7.69 4.26
CA VAL B 38 7.83 -6.78 5.34
C VAL B 38 8.79 -7.02 6.51
N THR B 39 9.46 -5.95 6.95
CA THR B 39 10.38 -5.99 8.07
C THR B 39 9.67 -5.56 9.34
N PRO B 40 10.29 -5.75 10.50
CA PRO B 40 9.69 -5.21 11.73
C PRO B 40 9.42 -3.73 11.65
N LEU B 41 10.29 -2.98 10.96
CA LEU B 41 10.13 -1.53 10.87
C LEU B 41 8.88 -1.15 10.10
N HIS B 42 8.60 -1.84 8.99
CA HIS B 42 7.32 -1.63 8.29
C HIS B 42 6.14 -1.78 9.25
N LEU B 43 6.17 -2.84 10.06
CA LEU B 43 5.04 -3.15 10.93
C LEU B 43 4.87 -2.10 12.03
N ALA B 44 5.98 -1.62 12.60
CA ALA B 44 5.91 -0.57 13.60
C ALA B 44 5.33 0.70 13.00
N ALA B 45 5.83 1.11 11.83
CA ALA B 45 5.35 2.33 11.19
C ALA B 45 3.88 2.20 10.78
N ASP B 46 3.49 1.03 10.26
CA ASP B 46 2.11 0.85 9.81
C ASP B 46 1.13 1.01 10.98
N LYS B 47 1.43 0.39 12.11
CA LYS B 47 0.50 0.32 13.22
C LYS B 47 0.71 1.41 14.25
N GLY B 48 1.71 2.27 14.06
CA GLY B 48 1.84 3.47 14.86
C GLY B 48 2.56 3.31 16.18
N HIS B 49 3.54 2.41 16.26
CA HIS B 49 4.26 2.15 17.50
C HIS B 49 5.54 2.97 17.46
N LEU B 50 5.45 4.24 17.88
CA LEU B 50 6.59 5.14 17.78
C LEU B 50 7.81 4.58 18.52
N GLU B 51 7.60 3.95 19.67
CA GLU B 51 8.72 3.44 20.45
C GLU B 51 9.41 2.29 19.72
N ILE B 52 8.63 1.37 19.18
CA ILE B 52 9.22 0.26 18.42
C ILE B 52 9.98 0.78 17.22
N VAL B 53 9.45 1.80 16.54
CA VAL B 53 10.17 2.39 15.42
C VAL B 53 11.52 2.93 15.88
N GLU B 54 11.56 3.58 17.05
CA GLU B 54 12.80 4.20 17.50
C GLU B 54 13.82 3.17 17.97
N VAL B 55 13.39 2.06 18.56
CA VAL B 55 14.34 1.05 18.98
C VAL B 55 14.84 0.25 17.78
N LEU B 56 13.97 -0.01 16.80
CA LEU B 56 14.38 -0.73 15.61
C LEU B 56 15.39 0.09 14.80
N LEU B 57 15.16 1.40 14.68
CA LEU B 57 16.09 2.25 13.95
C LEU B 57 17.43 2.35 14.67
N LYS B 58 17.39 2.44 16.00
CA LYS B 58 18.62 2.53 16.79
C LYS B 58 19.48 1.28 16.62
N THR B 59 18.86 0.12 16.49
CA THR B 59 19.58 -1.14 16.37
C THR B 59 19.93 -1.48 14.92
N GLY B 60 19.74 -0.55 14.00
CA GLY B 60 20.19 -0.73 12.63
C GLY B 60 19.12 -1.16 11.63
N ALA B 61 17.84 -0.93 11.93
CA ALA B 61 16.79 -1.26 10.97
C ALA B 61 16.96 -0.43 9.71
N ASP B 62 16.98 -1.11 8.56
CA ASP B 62 17.01 -0.41 7.29
C ASP B 62 15.80 0.52 7.18
N VAL B 63 16.04 1.83 7.15
CA VAL B 63 14.94 2.78 7.12
C VAL B 63 14.26 2.78 5.76
N ASN B 64 14.99 2.44 4.70
CA ASN B 64 14.45 2.42 3.34
C ASN B 64 14.24 1.01 2.81
N ALA B 65 13.99 0.05 3.70
CA ALA B 65 13.61 -1.29 3.26
C ALA B 65 12.28 -1.24 2.51
N ILE B 66 12.02 -2.29 1.74
CA ILE B 66 10.87 -2.35 0.84
C ILE B 66 10.26 -3.74 0.83
N ASP B 67 9.01 -3.80 0.40
CA ASP B 67 8.23 -5.03 0.33
C ASP B 67 7.90 -5.36 -1.13
N ILE B 68 7.19 -6.48 -1.31
CA ILE B 68 6.84 -6.98 -2.64
C ILE B 68 6.19 -5.90 -3.49
N MET B 69 5.57 -4.91 -2.86
CA MET B 69 4.88 -3.84 -3.57
C MET B 69 5.60 -2.51 -3.50
N GLY B 70 6.83 -2.49 -2.98
CA GLY B 70 7.65 -1.29 -3.01
C GLY B 70 7.34 -0.27 -1.94
N ALA B 71 6.56 -0.63 -0.92
CA ALA B 71 6.20 0.30 0.13
C ALA B 71 7.29 0.33 1.20
N THR B 72 7.76 1.53 1.51
CA THR B 72 8.72 1.75 2.59
C THR B 72 7.99 2.04 3.88
N PRO B 73 8.70 2.05 5.02
CA PRO B 73 8.03 2.47 6.26
C PRO B 73 7.39 3.84 6.15
N LEU B 74 8.05 4.77 5.45
CA LEU B 74 7.52 6.12 5.32
C LEU B 74 6.20 6.13 4.54
N HIS B 75 6.11 5.34 3.46
CA HIS B 75 4.82 5.19 2.79
C HIS B 75 3.72 4.86 3.78
N LEU B 76 4.01 3.97 4.73
CA LEU B 76 2.99 3.47 5.65
C LEU B 76 2.63 4.49 6.71
N ALA B 77 3.64 5.06 7.39
CA ALA B 77 3.37 6.08 8.39
C ALA B 77 2.71 7.31 7.78
N ALA B 78 3.04 7.63 6.53
CA ALA B 78 2.39 8.75 5.87
C ALA B 78 0.94 8.43 5.53
N ALA B 79 0.67 7.20 5.07
CA ALA B 79 -0.69 6.84 4.71
C ALA B 79 -1.59 6.80 5.94
N HIS B 80 -1.09 6.25 7.05
CA HIS B 80 -1.90 6.08 8.24
C HIS B 80 -1.85 7.27 9.19
N GLY B 81 -1.16 8.35 8.82
CA GLY B 81 -1.23 9.58 9.56
C GLY B 81 -0.36 9.67 10.79
N HIS B 82 0.72 8.89 10.85
CA HIS B 82 1.56 8.85 12.05
C HIS B 82 2.66 9.92 11.90
N LEU B 83 2.25 11.17 12.12
CA LEU B 83 3.16 12.29 11.94
C LEU B 83 4.47 12.11 12.70
N GLU B 84 4.38 11.69 13.96
CA GLU B 84 5.59 11.50 14.76
C GLU B 84 6.55 10.53 14.07
N ILE B 85 6.05 9.35 13.70
CA ILE B 85 6.89 8.36 13.03
C ILE B 85 7.42 8.91 11.71
N VAL B 86 6.58 9.61 10.95
CA VAL B 86 7.04 10.24 9.71
C VAL B 86 8.30 11.06 9.97
N GLU B 87 8.25 11.92 10.99
CA GLU B 87 9.40 12.78 11.28
C GLU B 87 10.61 11.96 11.69
N VAL B 88 10.41 10.94 12.53
CA VAL B 88 11.50 10.06 12.91
C VAL B 88 12.14 9.43 11.67
N LEU B 89 11.32 8.83 10.81
CA LEU B 89 11.84 8.16 9.62
C LEU B 89 12.58 9.15 8.72
N LEU B 90 11.96 10.29 8.44
CA LEU B 90 12.62 11.31 7.62
C LEU B 90 13.95 11.73 8.22
N LYS B 91 13.96 12.00 9.53
CA LYS B 91 15.21 12.33 10.20
C LYS B 91 16.22 11.21 10.07
N ALA B 92 15.75 9.96 10.13
CA ALA B 92 16.62 8.79 10.00
C ALA B 92 17.16 8.59 8.59
N GLY B 93 16.70 9.38 7.62
CA GLY B 93 17.18 9.29 6.26
C GLY B 93 16.21 8.72 5.24
N ALA B 94 14.94 8.55 5.61
CA ALA B 94 13.97 7.99 4.67
C ALA B 94 13.88 8.84 3.41
N ASP B 95 13.76 8.17 2.27
CA ASP B 95 13.66 8.86 0.98
C ASP B 95 12.26 9.47 0.87
N VAL B 96 12.18 10.80 0.89
CA VAL B 96 10.90 11.48 0.91
C VAL B 96 10.11 11.20 -0.35
N ASN B 97 10.80 11.02 -1.48
CA ASN B 97 10.16 10.80 -2.77
C ASN B 97 10.26 9.34 -3.24
N ALA B 98 10.48 8.41 -2.32
CA ALA B 98 10.42 6.99 -2.66
C ALA B 98 9.12 6.69 -3.37
N MET B 99 9.15 5.66 -4.22
CA MET B 99 8.00 5.32 -5.06
C MET B 99 7.73 3.83 -4.94
N ASP B 100 6.46 3.48 -4.78
CA ASP B 100 6.07 2.07 -4.77
C ASP B 100 5.75 1.63 -6.19
N HIS B 101 5.62 0.31 -6.36
CA HIS B 101 5.45 -0.26 -7.68
C HIS B 101 4.18 0.22 -8.37
N LYS B 102 3.27 0.86 -7.64
CA LYS B 102 2.08 1.47 -8.23
C LYS B 102 2.31 2.93 -8.59
N GLY B 103 3.45 3.51 -8.23
CA GLY B 103 3.76 4.89 -8.56
C GLY B 103 3.51 5.88 -7.45
N PHE B 104 3.13 5.43 -6.26
CA PHE B 104 2.75 6.31 -5.17
C PHE B 104 3.96 6.69 -4.32
N THR B 105 4.17 7.98 -4.14
CA THR B 105 5.10 8.52 -3.17
C THR B 105 4.41 8.72 -1.84
N PRO B 106 5.16 8.95 -0.76
CA PRO B 106 4.51 9.30 0.51
C PRO B 106 3.57 10.48 0.38
N LEU B 107 3.94 11.47 -0.43
CA LEU B 107 3.08 12.63 -0.63
C LEU B 107 1.75 12.24 -1.29
N HIS B 108 1.78 11.34 -2.27
CA HIS B 108 0.54 10.79 -2.82
C HIS B 108 -0.37 10.28 -1.71
N LEU B 109 0.17 9.42 -0.84
CA LEU B 109 -0.66 8.75 0.16
C LEU B 109 -1.16 9.74 1.21
N ALA B 110 -0.28 10.61 1.71
CA ALA B 110 -0.69 11.59 2.70
C ALA B 110 -1.80 12.50 2.15
N ALA B 111 -1.68 12.91 0.89
CA ALA B 111 -2.71 13.76 0.30
C ALA B 111 -4.00 12.98 0.08
N TRP B 112 -3.90 11.75 -0.44
CA TRP B 112 -5.07 10.91 -0.64
C TRP B 112 -5.83 10.68 0.67
N ARG B 113 -5.12 10.57 1.78
CA ARG B 113 -5.72 10.16 3.05
C ARG B 113 -6.05 11.33 3.96
N GLY B 114 -5.91 12.56 3.49
CA GLY B 114 -6.38 13.71 4.23
C GLY B 114 -5.55 14.10 5.42
N HIS B 115 -4.24 13.85 5.39
CA HIS B 115 -3.35 14.16 6.51
C HIS B 115 -2.65 15.48 6.18
N LEU B 116 -3.30 16.59 6.50
CA LEU B 116 -2.76 17.90 6.16
C LEU B 116 -1.37 18.12 6.75
N GLU B 117 -1.16 17.70 8.00
CA GLU B 117 0.09 18.02 8.68
C GLU B 117 1.28 17.33 8.00
N ILE B 118 1.14 16.02 7.72
CA ILE B 118 2.23 15.27 7.11
C ILE B 118 2.60 15.86 5.76
N VAL B 119 1.61 16.36 5.02
CA VAL B 119 1.87 16.91 3.69
C VAL B 119 2.90 18.03 3.77
N GLU B 120 2.73 18.97 4.69
CA GLU B 120 3.67 20.09 4.79
C GLU B 120 5.03 19.64 5.30
N VAL B 121 5.06 18.66 6.21
CA VAL B 121 6.34 18.08 6.63
C VAL B 121 7.06 17.51 5.42
N LEU B 122 6.38 16.65 4.66
CA LEU B 122 6.99 16.06 3.47
C LEU B 122 7.47 17.13 2.50
N LEU B 123 6.66 18.17 2.29
CA LEU B 123 7.10 19.26 1.41
C LEU B 123 8.32 19.99 1.96
N LYS B 124 8.45 20.07 3.28
CA LYS B 124 9.64 20.67 3.87
C LYS B 124 10.86 19.76 3.82
N HIS B 125 10.67 18.48 3.51
CA HIS B 125 11.79 17.56 3.33
C HIS B 125 12.12 17.32 1.87
N GLY B 126 11.48 18.03 0.95
CA GLY B 126 11.79 17.94 -0.46
C GLY B 126 10.87 17.06 -1.28
N ALA B 127 9.63 16.87 -0.86
CA ALA B 127 8.71 16.02 -1.60
C ALA B 127 8.39 16.60 -2.96
N ASP B 128 8.37 15.75 -3.98
CA ASP B 128 8.07 16.19 -5.34
C ASP B 128 6.56 16.32 -5.49
N VAL B 129 6.09 17.57 -5.60
CA VAL B 129 4.65 17.82 -5.74
C VAL B 129 4.15 17.49 -7.15
N ASN B 130 5.05 17.18 -8.07
CA ASN B 130 4.71 16.87 -9.45
C ASN B 130 4.85 15.39 -9.77
N ALA B 131 5.27 14.56 -8.82
CA ALA B 131 5.38 13.14 -9.06
C ALA B 131 4.04 12.57 -9.50
N GLN B 132 4.10 11.46 -10.24
CA GLN B 132 2.91 10.84 -10.81
C GLN B 132 2.92 9.35 -10.56
N ASP B 133 1.73 8.76 -10.46
CA ASP B 133 1.58 7.32 -10.35
C ASP B 133 1.62 6.71 -11.75
N LYS B 134 1.26 5.43 -11.88
CA LYS B 134 1.27 4.82 -13.21
C LYS B 134 0.23 5.45 -14.11
N PHE B 135 -0.90 5.89 -13.56
CA PHE B 135 -1.96 6.50 -14.35
C PHE B 135 -1.81 8.00 -14.51
N GLY B 136 -0.71 8.57 -14.02
CA GLY B 136 -0.40 9.97 -14.25
C GLY B 136 -1.01 10.95 -13.29
N LYS B 137 -1.40 10.51 -12.10
CA LYS B 137 -2.06 11.35 -11.12
C LYS B 137 -1.04 11.89 -10.13
N THR B 138 -1.13 13.18 -9.84
CA THR B 138 -0.27 13.84 -8.87
C THR B 138 -0.87 13.71 -7.48
N PRO B 139 -0.10 14.08 -6.44
CA PRO B 139 -0.71 14.19 -5.11
C PRO B 139 -1.88 15.18 -5.10
N PHE B 140 -1.76 16.28 -5.85
CA PHE B 140 -2.91 17.16 -6.03
C PHE B 140 -4.13 16.40 -6.54
N ASP B 141 -3.97 15.65 -7.63
CA ASP B 141 -5.09 14.93 -8.22
C ASP B 141 -5.76 14.01 -7.20
N LEU B 142 -4.97 13.30 -6.40
CA LEU B 142 -5.54 12.37 -5.43
C LEU B 142 -6.31 13.11 -4.35
N ALA B 143 -5.78 14.25 -3.88
CA ALA B 143 -6.48 15.03 -2.87
C ALA B 143 -7.86 15.45 -3.36
N ILE B 144 -7.94 15.98 -4.59
CA ILE B 144 -9.22 16.39 -5.15
C ILE B 144 -10.20 15.22 -5.16
N ASP B 145 -9.81 14.11 -5.80
CA ASP B 145 -10.75 13.01 -6.02
C ASP B 145 -11.29 12.45 -4.70
N ASN B 146 -10.60 12.66 -3.59
CA ASN B 146 -10.99 12.04 -2.33
C ASN B 146 -11.57 13.05 -1.35
N GLY B 147 -11.91 14.25 -1.80
CA GLY B 147 -12.63 15.18 -0.97
C GLY B 147 -11.80 15.88 0.10
N ASN B 148 -10.52 16.09 -0.17
CA ASN B 148 -9.64 16.81 0.75
C ASN B 148 -9.26 18.13 0.08
N GLU B 149 -10.14 19.13 0.22
CA GLU B 149 -9.93 20.41 -0.46
C GLU B 149 -8.70 21.12 0.08
N ASP B 150 -8.49 21.06 1.39
CA ASP B 150 -7.44 21.87 2.01
C ASP B 150 -6.05 21.42 1.54
N ILE B 151 -5.81 20.12 1.50
CA ILE B 151 -4.52 19.61 1.02
C ILE B 151 -4.31 19.98 -0.43
N ALA B 152 -5.38 19.95 -1.24
CA ALA B 152 -5.25 20.29 -2.65
C ALA B 152 -4.76 21.72 -2.82
N GLU B 153 -5.30 22.64 -2.03
CA GLU B 153 -4.90 24.05 -2.14
C GLU B 153 -3.43 24.24 -1.79
N VAL B 154 -2.93 23.55 -0.76
CA VAL B 154 -1.52 23.63 -0.42
C VAL B 154 -0.67 23.14 -1.59
N LEU B 155 -0.91 21.89 -2.01
CA LEU B 155 -0.16 21.31 -3.12
C LEU B 155 -0.21 22.19 -4.35
N GLN B 156 -1.33 22.90 -4.56
CA GLN B 156 -1.46 23.75 -5.73
C GLN B 156 -0.62 25.03 -5.60
N LYS B 157 -0.62 25.64 -4.41
CA LYS B 157 0.21 26.82 -4.19
C LYS B 157 1.70 26.47 -4.19
N ALA B 158 2.05 25.27 -3.72
CA ALA B 158 3.44 24.84 -3.75
C ALA B 158 3.93 24.63 -5.17
N ALA B 159 3.05 24.16 -6.06
CA ALA B 159 3.43 23.97 -7.45
C ALA B 159 3.55 25.30 -8.18
N LYS B 160 2.68 26.26 -7.85
CA LYS B 160 2.70 27.55 -8.53
C LYS B 160 3.90 28.42 -8.16
N LEU B 161 4.58 28.14 -7.05
CA LEU B 161 5.68 28.99 -6.62
C LEU B 161 6.69 29.19 -7.73
N ASN B 162 7.07 30.44 -7.94
CA ASN B 162 7.53 30.90 -9.24
C ASN B 162 8.90 31.59 -9.15
#